data_7EKN
#
_entry.id   7EKN
#
_cell.length_a   42.626
_cell.length_b   46.389
_cell.length_c   49.170
_cell.angle_alpha   76.669
_cell.angle_beta   67.700
_cell.angle_gamma   74.673
#
_symmetry.space_group_name_H-M   'P 1'
#
loop_
_entity.id
_entity.type
_entity.pdbx_description
1 polymer ipep
2 polymer 'Protein AF-10'
3 water water
#
loop_
_entity_poly.entity_id
_entity_poly.type
_entity_poly.pdbx_seq_one_letter_code
_entity_poly.pdbx_strand_id
1 'polypeptide(L)' SQIEWAKARVEKLRKRNQALKSQTSELQRQIAELEASNAELKK B,D,F,H
2 'polypeptide(L)' SDILGMLKSLHQLQVENRRLEEQIKNLTAKKERLQLLNAQLSV A,C,E,G
#
# COMPACT_ATOMS: atom_id res chain seq x y z
N GLN A 2 -24.98 -5.67 8.72
CA GLN A 2 -24.46 -6.88 8.11
C GLN A 2 -22.99 -6.67 7.88
N ILE A 3 -22.21 -7.66 8.29
CA ILE A 3 -20.77 -7.62 8.05
C ILE A 3 -20.51 -7.59 6.54
N GLU A 4 -21.24 -8.40 5.78
CA GLU A 4 -20.98 -8.47 4.35
C GLU A 4 -21.26 -7.14 3.67
N TRP A 5 -22.38 -6.49 4.04
CA TRP A 5 -22.68 -5.16 3.53
C TRP A 5 -21.57 -4.18 3.86
N ALA A 6 -21.09 -4.19 5.11
CA ALA A 6 -20.02 -3.28 5.49
C ALA A 6 -18.73 -3.61 4.74
N LYS A 7 -18.42 -4.91 4.62
CA LYS A 7 -17.25 -5.34 3.86
C LYS A 7 -17.32 -4.87 2.42
N ALA A 8 -18.52 -4.86 1.84
CA ALA A 8 -18.69 -4.52 0.43
C ALA A 8 -18.63 -3.01 0.16
N ARG A 9 -19.04 -2.18 1.13
CA ARG A 9 -18.81 -0.74 0.99
C ARG A 9 -17.32 -0.43 0.99
N VAL A 10 -16.56 -1.08 1.89
CA VAL A 10 -15.12 -0.90 1.90
C VAL A 10 -14.53 -1.29 0.54
N GLU A 11 -14.86 -2.50 0.07
CA GLU A 11 -14.30 -2.98 -1.21
C GLU A 11 -14.61 -2.02 -2.36
N LYS A 12 -15.88 -1.64 -2.49
CA LYS A 12 -16.27 -0.78 -3.61
C LYS A 12 -15.50 0.54 -3.58
N LEU A 13 -15.38 1.17 -2.41
CA LEU A 13 -14.70 2.46 -2.33
C LEU A 13 -13.20 2.30 -2.47
N ARG A 14 -12.67 1.15 -2.06
CA ARG A 14 -11.25 0.89 -2.32
C ARG A 14 -11.00 0.81 -3.81
N LYS A 15 -11.84 0.05 -4.53
CA LYS A 15 -11.73 -0.03 -5.99
C LYS A 15 -11.83 1.35 -6.64
N ARG A 16 -12.75 2.18 -6.16
CA ARG A 16 -12.94 3.51 -6.75
C ARG A 16 -11.72 4.39 -6.51
N ASN A 17 -11.18 4.39 -5.29
CA ASN A 17 -10.01 5.22 -5.01
C ASN A 17 -8.81 4.78 -5.83
N GLN A 18 -8.69 3.47 -6.10
CA GLN A 18 -7.63 3.00 -6.97
C GLN A 18 -7.84 3.52 -8.40
N ALA A 19 -9.08 3.58 -8.86
CA ALA A 19 -9.35 4.19 -10.14
C ALA A 19 -8.98 5.67 -10.14
N LEU A 20 -9.22 6.36 -9.03
CA LEU A 20 -8.86 7.78 -8.96
C LEU A 20 -7.35 7.96 -8.96
N LYS A 21 -6.65 7.17 -8.14
CA LYS A 21 -5.19 7.25 -8.11
C LYS A 21 -4.61 6.97 -9.49
N SER A 22 -5.15 5.99 -10.21
CA SER A 22 -4.63 5.70 -11.53
C SER A 22 -5.00 6.79 -12.53
N GLN A 23 -6.13 7.48 -12.31
CA GLN A 23 -6.43 8.63 -13.16
C GLN A 23 -5.48 9.79 -12.85
N THR A 24 -5.03 9.91 -11.60
CA THR A 24 -4.10 11.00 -11.31
C THR A 24 -2.74 10.72 -11.94
N SER A 25 -2.30 9.45 -11.92
CA SER A 25 -1.03 9.11 -12.57
C SER A 25 -1.05 9.50 -14.04
N GLU A 26 -2.15 9.21 -14.73
CA GLU A 26 -2.20 9.54 -16.14
C GLU A 26 -2.26 11.04 -16.35
N LEU A 27 -2.99 11.75 -15.49
CA LEU A 27 -2.99 13.20 -15.53
C LEU A 27 -1.59 13.77 -15.29
N GLN A 28 -0.86 13.19 -14.34
CA GLN A 28 0.49 13.68 -14.07
C GLN A 28 1.38 13.48 -15.29
N ARG A 29 1.24 12.35 -15.98
CA ARG A 29 2.06 12.09 -17.15
C ARG A 29 1.74 13.06 -18.30
N GLN A 30 0.46 13.39 -18.49
CA GLN A 30 0.10 14.34 -19.53
C GLN A 30 0.63 15.74 -19.21
N ILE A 31 0.59 16.13 -17.94
CA ILE A 31 1.16 17.41 -17.51
C ILE A 31 2.66 17.44 -17.75
N ALA A 32 3.34 16.30 -17.56
CA ALA A 32 4.77 16.27 -17.84
C ALA A 32 5.02 16.39 -19.33
N GLU A 33 4.18 15.76 -20.15
CA GLU A 33 4.32 15.89 -21.61
C GLU A 33 4.17 17.34 -22.06
N LEU A 34 3.24 18.07 -21.45
CA LEU A 34 2.98 19.45 -21.89
C LEU A 34 4.06 20.40 -21.40
N GLU A 35 4.54 20.19 -20.16
CA GLU A 35 5.58 21.06 -19.64
C GLU A 35 6.92 20.83 -20.33
N ALA A 36 7.18 19.60 -20.81
CA ALA A 36 8.35 19.35 -21.64
C ALA A 36 8.20 20.00 -23.03
N SER A 37 7.05 19.81 -23.66
CA SER A 37 6.83 20.42 -24.96
C SER A 37 6.87 21.94 -24.87
N ASN A 38 6.34 22.53 -23.80
CA ASN A 38 6.38 23.98 -23.67
C ASN A 38 7.80 24.47 -23.50
N ALA A 39 8.59 23.74 -22.73
CA ALA A 39 9.99 24.14 -22.51
C ALA A 39 10.76 24.09 -23.81
N GLU A 40 10.51 23.07 -24.61
CA GLU A 40 11.13 22.92 -25.93
C GLU A 40 10.75 24.06 -26.87
N LEU A 41 9.45 24.40 -26.93
CA LEU A 41 9.02 25.44 -27.86
C LEU A 41 9.42 26.83 -27.41
N LYS A 42 9.68 27.03 -26.12
CA LYS A 42 10.11 28.33 -25.62
C LYS A 42 11.55 28.65 -26.04
N SER B 1 -21.57 -2.24 15.59
CA SER B 1 -20.92 -2.92 16.72
C SER B 1 -19.93 -4.01 16.28
N ASP B 2 -20.45 -5.09 15.69
CA ASP B 2 -19.58 -6.03 14.99
C ASP B 2 -18.93 -5.41 13.76
N ILE B 3 -19.37 -4.23 13.33
CA ILE B 3 -18.88 -3.63 12.10
C ILE B 3 -18.07 -2.36 12.37
N LEU B 4 -17.64 -2.13 13.61
CA LEU B 4 -16.90 -0.89 13.90
C LEU B 4 -15.57 -0.84 13.15
N GLY B 5 -14.92 -2.00 12.98
CA GLY B 5 -13.63 -2.01 12.30
C GLY B 5 -13.75 -1.65 10.84
N MET B 6 -14.72 -2.25 10.13
CA MET B 6 -14.92 -1.92 8.73
C MET B 6 -15.53 -0.54 8.56
N LEU B 7 -16.31 -0.08 9.53
CA LEU B 7 -16.84 1.27 9.45
C LEU B 7 -15.72 2.31 9.49
N LYS B 8 -14.73 2.10 10.37
CA LYS B 8 -13.57 3.00 10.43
C LYS B 8 -12.71 2.89 9.19
N SER B 9 -12.60 1.69 8.61
CA SER B 9 -11.90 1.55 7.34
C SER B 9 -12.59 2.38 6.26
N LEU B 10 -13.92 2.25 6.16
CA LEU B 10 -14.68 3.01 5.18
C LEU B 10 -14.52 4.52 5.40
N HIS B 11 -14.49 4.94 6.67
CA HIS B 11 -14.36 6.36 6.98
C HIS B 11 -13.08 6.94 6.40
N GLN B 12 -11.95 6.25 6.59
CA GLN B 12 -10.69 6.73 6.04
C GLN B 12 -10.73 6.73 4.51
N LEU B 13 -11.36 5.71 3.91
CA LEU B 13 -11.48 5.69 2.46
C LEU B 13 -12.38 6.81 1.96
N GLN B 14 -13.37 7.23 2.75
CA GLN B 14 -14.25 8.32 2.35
C GLN B 14 -13.50 9.65 2.38
N VAL B 15 -12.64 9.85 3.37
CA VAL B 15 -11.80 11.05 3.42
C VAL B 15 -10.83 11.07 2.24
N GLU B 16 -10.16 9.95 1.99
CA GLU B 16 -9.21 9.87 0.87
C GLU B 16 -9.93 10.04 -0.46
N ASN B 17 -11.15 9.53 -0.56
CA ASN B 17 -11.89 9.66 -1.82
C ASN B 17 -12.13 11.13 -2.17
N ARG B 18 -12.47 11.96 -1.18
CA ARG B 18 -12.71 13.37 -1.43
C ARG B 18 -11.40 14.11 -1.73
N ARG B 19 -10.30 13.71 -1.11
CA ARG B 19 -9.02 14.33 -1.44
C ARG B 19 -8.61 14.03 -2.88
N LEU B 20 -8.89 12.80 -3.35
CA LEU B 20 -8.42 12.43 -4.67
C LEU B 20 -9.23 13.11 -5.77
N GLU B 21 -10.55 13.23 -5.57
CA GLU B 21 -11.36 13.96 -6.54
C GLU B 21 -11.00 15.44 -6.57
N GLU B 22 -10.70 16.02 -5.41
CA GLU B 22 -10.27 17.42 -5.40
C GLU B 22 -8.93 17.57 -6.11
N GLN B 23 -8.02 16.62 -5.89
CA GLN B 23 -6.71 16.69 -6.53
C GLN B 23 -6.84 16.57 -8.03
N ILE B 24 -7.73 15.70 -8.49
CA ILE B 24 -7.94 15.54 -9.92
C ILE B 24 -8.40 16.85 -10.53
N LYS B 25 -9.40 17.49 -9.90
CA LYS B 25 -9.90 18.77 -10.41
C LYS B 25 -8.76 19.78 -10.54
N ASN B 26 -7.88 19.85 -9.54
CA ASN B 26 -6.76 20.78 -9.62
C ASN B 26 -5.81 20.41 -10.76
N LEU B 27 -5.66 19.11 -11.04
CA LEU B 27 -4.77 18.68 -12.12
C LEU B 27 -5.39 18.90 -13.50
N THR B 28 -6.68 18.65 -13.67
CA THR B 28 -7.27 18.97 -14.97
C THR B 28 -7.30 20.48 -15.21
N ALA B 29 -7.49 21.28 -14.16
CA ALA B 29 -7.43 22.72 -14.34
C ALA B 29 -6.04 23.15 -14.81
N LYS B 30 -5.01 22.60 -14.15
CA LYS B 30 -3.63 22.86 -14.55
C LYS B 30 -3.39 22.43 -15.98
N LYS B 31 -3.79 21.21 -16.31
CA LYS B 31 -3.59 20.68 -17.66
C LYS B 31 -4.21 21.61 -18.71
N GLU B 32 -5.37 22.19 -18.40
CA GLU B 32 -6.01 23.11 -19.35
C GLU B 32 -5.15 24.37 -19.56
N ARG B 33 -4.60 24.93 -18.48
CA ARG B 33 -3.75 26.12 -18.60
C ARG B 33 -2.49 25.81 -19.38
N LEU B 34 -1.87 24.65 -19.12
CA LEU B 34 -0.69 24.23 -19.87
C LEU B 34 -1.03 23.96 -21.33
N GLN B 35 -2.25 23.46 -21.59
CA GLN B 35 -2.70 23.21 -22.96
C GLN B 35 -2.90 24.51 -23.73
N LEU B 36 -3.37 25.57 -23.07
CA LEU B 36 -3.53 26.86 -23.75
C LEU B 36 -2.17 27.46 -24.06
N LEU B 37 -1.21 27.37 -23.13
CA LEU B 37 0.13 27.88 -23.41
C LEU B 37 0.79 27.09 -24.53
N ASN B 38 0.62 25.76 -24.55
CA ASN B 38 1.19 24.97 -25.64
C ASN B 38 0.60 25.37 -26.99
N ALA B 39 -0.69 25.72 -27.03
CA ALA B 39 -1.29 26.14 -28.29
C ALA B 39 -0.73 27.48 -28.74
N GLN B 40 -0.50 28.40 -27.80
CA GLN B 40 -0.02 29.74 -28.16
C GLN B 40 1.40 29.69 -28.70
N LEU B 41 2.23 28.77 -28.18
CA LEU B 41 3.60 28.61 -28.67
C LEU B 41 3.67 27.78 -29.95
N SER B 42 2.58 27.11 -30.33
CA SER B 42 2.55 26.18 -31.44
C SER B 42 2.03 26.83 -32.73
N VAL B 43 0.82 27.39 -32.69
CA VAL B 43 0.12 27.80 -33.91
C VAL B 43 0.72 29.07 -34.54
N GLN C 2 2.52 -0.19 -29.05
CA GLN C 2 3.59 -0.87 -28.32
C GLN C 2 4.10 0.03 -27.19
N ILE C 3 4.87 -0.55 -26.26
CA ILE C 3 5.23 0.07 -24.99
C ILE C 3 3.95 0.39 -24.21
N GLU C 4 3.04 1.15 -24.82
CA GLU C 4 1.71 1.36 -24.23
C GLU C 4 0.89 0.08 -24.19
N TRP C 5 1.29 -0.94 -24.94
CA TRP C 5 0.62 -2.23 -24.87
C TRP C 5 1.16 -3.05 -23.70
N ALA C 6 2.49 -3.11 -23.56
CA ALA C 6 3.07 -3.73 -22.38
C ALA C 6 2.68 -2.99 -21.11
N LYS C 7 2.33 -1.71 -21.20
CA LYS C 7 1.84 -1.00 -20.02
C LYS C 7 0.41 -1.43 -19.67
N ALA C 8 -0.39 -1.79 -20.67
CA ALA C 8 -1.73 -2.31 -20.41
C ALA C 8 -1.65 -3.65 -19.67
N ARG C 9 -0.75 -4.53 -20.11
CA ARG C 9 -0.59 -5.84 -19.49
C ARG C 9 -0.04 -5.74 -18.07
N VAL C 10 0.95 -4.85 -17.86
CA VAL C 10 1.40 -4.53 -16.51
C VAL C 10 0.22 -4.15 -15.63
N GLU C 11 -0.64 -3.24 -16.13
CA GLU C 11 -1.79 -2.80 -15.35
C GLU C 11 -2.74 -3.95 -15.03
N LYS C 12 -3.08 -4.76 -16.04
CA LYS C 12 -3.92 -5.93 -15.80
C LYS C 12 -3.32 -6.83 -14.73
N LEU C 13 -2.03 -7.14 -14.86
CA LEU C 13 -1.39 -8.09 -13.95
C LEU C 13 -1.30 -7.55 -12.54
N ARG C 14 -1.12 -6.23 -12.41
CA ARG C 14 -0.99 -5.62 -11.10
C ARG C 14 -2.27 -5.80 -10.29
N LYS C 15 -3.41 -5.50 -10.90
CA LYS C 15 -4.70 -5.71 -10.23
C LYS C 15 -4.88 -7.16 -9.84
N ARG C 16 -4.42 -8.07 -10.69
CA ARG C 16 -4.67 -9.49 -10.46
C ARG C 16 -3.81 -10.00 -9.32
N ASN C 17 -2.56 -9.58 -9.27
CA ASN C 17 -1.69 -9.96 -8.15
C ASN C 17 -2.21 -9.41 -6.83
N GLN C 18 -2.79 -8.20 -6.83
CA GLN C 18 -3.35 -7.65 -5.60
C GLN C 18 -4.58 -8.42 -5.13
N ALA C 19 -5.41 -8.89 -6.08
CA ALA C 19 -6.53 -9.75 -5.70
C ALA C 19 -6.01 -11.07 -5.12
N LEU C 20 -4.97 -11.64 -5.72
CA LEU C 20 -4.41 -12.88 -5.21
C LEU C 20 -3.75 -12.67 -3.85
N LYS C 21 -3.17 -11.49 -3.63
CA LYS C 21 -2.64 -11.16 -2.31
C LYS C 21 -3.77 -11.09 -1.26
N SER C 22 -4.87 -10.43 -1.60
CA SER C 22 -5.99 -10.36 -0.68
C SER C 22 -6.50 -11.77 -0.34
N GLN C 23 -6.54 -12.64 -1.35
CA GLN C 23 -7.07 -13.98 -1.14
C GLN C 23 -6.11 -14.80 -0.26
N THR C 24 -4.83 -14.49 -0.33
CA THR C 24 -3.85 -15.21 0.47
C THR C 24 -3.96 -14.84 1.95
N SER C 25 -4.07 -13.54 2.25
CA SER C 25 -4.28 -13.14 3.64
C SER C 25 -5.56 -13.72 4.21
N GLU C 26 -6.61 -13.80 3.40
CA GLU C 26 -7.89 -14.29 3.89
C GLU C 26 -7.81 -15.78 4.17
N LEU C 27 -7.09 -16.52 3.32
CA LEU C 27 -6.89 -17.94 3.57
C LEU C 27 -6.07 -18.16 4.84
N GLN C 28 -5.03 -17.34 5.05
CA GLN C 28 -4.22 -17.47 6.26
C GLN C 28 -5.06 -17.23 7.51
N ARG C 29 -5.93 -16.22 7.48
CA ARG C 29 -6.84 -15.99 8.61
C ARG C 29 -7.77 -17.17 8.85
N GLN C 30 -8.30 -17.76 7.78
CA GLN C 30 -9.18 -18.90 7.95
C GLN C 30 -8.46 -20.12 8.50
N ILE C 31 -7.17 -20.29 8.18
CA ILE C 31 -6.41 -21.42 8.69
C ILE C 31 -6.11 -21.24 10.17
N ALA C 32 -5.72 -20.02 10.57
CA ALA C 32 -5.54 -19.70 11.98
C ALA C 32 -6.82 -19.98 12.76
N GLU C 33 -7.95 -19.50 12.26
CA GLU C 33 -9.25 -19.78 12.86
C GLU C 33 -9.47 -21.28 13.09
N LEU C 34 -9.20 -22.10 12.08
CA LEU C 34 -9.49 -23.52 12.20
C LEU C 34 -8.50 -24.22 13.14
N GLU C 35 -7.24 -23.79 13.15
CA GLU C 35 -6.28 -24.39 14.08
C GLU C 35 -6.65 -24.09 15.53
N ALA C 36 -7.17 -22.90 15.80
CA ALA C 36 -7.57 -22.56 17.17
C ALA C 36 -8.86 -23.27 17.57
N SER C 37 -9.81 -23.39 16.64
CA SER C 37 -11.02 -24.17 16.93
C SER C 37 -10.69 -25.65 17.12
N ASN C 38 -9.77 -26.19 16.31
CA ASN C 38 -9.35 -27.57 16.49
C ASN C 38 -8.71 -27.77 17.87
N ALA C 39 -7.96 -26.78 18.35
CA ALA C 39 -7.33 -26.89 19.66
C ALA C 39 -8.38 -26.99 20.76
N GLU C 40 -9.40 -26.12 20.70
CA GLU C 40 -10.42 -26.09 21.74
C GLU C 40 -11.31 -27.32 21.70
N LEU C 41 -11.52 -27.90 20.52
CA LEU C 41 -12.37 -29.07 20.40
C LEU C 41 -11.69 -30.34 20.89
N LYS C 42 -10.36 -30.35 20.92
CA LYS C 42 -9.64 -31.48 21.49
C LYS C 42 -9.89 -31.56 22.98
N ASP D 2 11.40 3.67 -22.59
CA ASP D 2 12.11 2.47 -22.99
C ASP D 2 11.23 1.24 -22.77
N ILE D 3 11.00 0.49 -23.86
CA ILE D 3 10.17 -0.72 -23.77
C ILE D 3 10.82 -1.75 -22.86
N LEU D 4 12.15 -1.78 -22.82
CA LEU D 4 12.86 -2.67 -21.91
C LEU D 4 12.31 -2.55 -20.48
N GLY D 5 12.31 -1.32 -19.94
CA GLY D 5 11.89 -1.14 -18.56
C GLY D 5 10.48 -1.63 -18.29
N MET D 6 9.58 -1.42 -19.25
CA MET D 6 8.22 -1.92 -19.11
C MET D 6 8.20 -3.45 -19.12
N LEU D 7 9.03 -4.05 -19.97
CA LEU D 7 9.10 -5.51 -20.06
C LEU D 7 9.65 -6.11 -18.76
N LYS D 8 10.66 -5.47 -18.16
CA LYS D 8 11.13 -5.93 -16.86
C LYS D 8 10.02 -5.89 -15.84
N SER D 9 9.19 -4.84 -15.88
CA SER D 9 8.09 -4.73 -14.94
C SER D 9 7.09 -5.88 -15.11
N LEU D 10 6.70 -6.14 -16.36
CA LEU D 10 5.76 -7.24 -16.61
C LEU D 10 6.39 -8.56 -16.20
N HIS D 11 7.70 -8.72 -16.43
CA HIS D 11 8.36 -9.99 -16.14
C HIS D 11 8.34 -10.28 -14.64
N GLN D 12 8.66 -9.28 -13.82
CA GLN D 12 8.68 -9.53 -12.38
C GLN D 12 7.28 -9.80 -11.86
N LEU D 13 6.27 -9.15 -12.44
CA LEU D 13 4.89 -9.44 -12.06
C LEU D 13 4.47 -10.83 -12.50
N GLN D 14 5.01 -11.34 -13.61
CA GLN D 14 4.59 -12.66 -14.06
C GLN D 14 5.16 -13.76 -13.17
N VAL D 15 6.44 -13.65 -12.80
CA VAL D 15 6.99 -14.55 -11.78
C VAL D 15 6.18 -14.46 -10.50
N GLU D 16 5.92 -13.23 -10.04
CA GLU D 16 5.17 -13.03 -8.81
C GLU D 16 3.79 -13.67 -8.91
N ASN D 17 3.17 -13.56 -10.08
CA ASN D 17 1.83 -14.10 -10.27
C ASN D 17 1.81 -15.61 -10.06
N ARG D 18 2.76 -16.33 -10.67
CA ARG D 18 2.76 -17.79 -10.55
C ARG D 18 3.04 -18.21 -9.11
N ARG D 19 3.95 -17.52 -8.42
CA ARG D 19 4.17 -17.86 -7.02
C ARG D 19 2.89 -17.71 -6.20
N LEU D 20 2.14 -16.64 -6.47
CA LEU D 20 0.92 -16.40 -5.68
C LEU D 20 -0.13 -17.49 -5.91
N GLU D 21 -0.30 -17.94 -7.16
CA GLU D 21 -1.31 -18.97 -7.41
C GLU D 21 -0.89 -20.29 -6.79
N GLU D 22 0.41 -20.61 -6.83
CA GLU D 22 0.88 -21.80 -6.15
C GLU D 22 0.71 -21.69 -4.65
N GLN D 23 0.98 -20.53 -4.06
CA GLN D 23 0.78 -20.38 -2.62
C GLN D 23 -0.68 -20.59 -2.24
N ILE D 24 -1.61 -20.11 -3.07
CA ILE D 24 -3.03 -20.32 -2.75
C ILE D 24 -3.40 -21.80 -2.80
N LYS D 25 -2.86 -22.54 -3.78
CA LYS D 25 -3.12 -23.97 -3.86
C LYS D 25 -2.64 -24.69 -2.59
N ASN D 26 -1.42 -24.39 -2.13
CA ASN D 26 -0.96 -24.99 -0.88
C ASN D 26 -1.84 -24.59 0.28
N LEU D 27 -2.37 -23.36 0.28
CA LEU D 27 -3.15 -22.91 1.42
C LEU D 27 -4.54 -23.52 1.45
N THR D 28 -5.18 -23.73 0.28
CA THR D 28 -6.47 -24.41 0.27
C THR D 28 -6.33 -25.90 0.53
N ALA D 29 -5.20 -26.50 0.14
CA ALA D 29 -4.96 -27.90 0.50
C ALA D 29 -4.87 -28.06 2.01
N LYS D 30 -4.12 -27.16 2.67
CA LYS D 30 -4.00 -27.19 4.13
C LYS D 30 -5.34 -26.92 4.81
N LYS D 31 -6.12 -25.97 4.31
CA LYS D 31 -7.43 -25.72 4.88
C LYS D 31 -8.30 -26.97 4.81
N GLU D 32 -8.22 -27.70 3.69
CA GLU D 32 -9.00 -28.93 3.54
C GLU D 32 -8.58 -29.98 4.57
N ARG D 33 -7.28 -30.09 4.84
CA ARG D 33 -6.82 -30.98 5.90
C ARG D 33 -7.37 -30.56 7.25
N LEU D 34 -7.26 -29.26 7.57
CA LEU D 34 -7.75 -28.75 8.86
C LEU D 34 -9.27 -28.85 8.98
N GLN D 35 -10.00 -28.64 7.87
CA GLN D 35 -11.45 -28.75 7.92
C GLN D 35 -11.89 -30.20 8.16
N LEU D 36 -11.17 -31.17 7.59
CA LEU D 36 -11.49 -32.58 7.86
C LEU D 36 -11.36 -32.88 9.35
N LEU D 37 -10.23 -32.49 9.95
CA LEU D 37 -10.03 -32.73 11.38
C LEU D 37 -11.11 -32.03 12.22
N ASN D 38 -11.51 -30.81 11.81
CA ASN D 38 -12.54 -30.08 12.54
C ASN D 38 -13.86 -30.85 12.56
N ALA D 39 -14.26 -31.40 11.42
CA ALA D 39 -15.50 -32.17 11.38
C ALA D 39 -15.37 -33.44 12.22
N GLN D 40 -14.19 -34.07 12.18
CA GLN D 40 -13.97 -35.28 12.97
C GLN D 40 -14.12 -35.00 14.46
N LEU D 41 -13.67 -33.83 14.92
CA LEU D 41 -13.69 -33.48 16.33
C LEU D 41 -15.04 -32.95 16.80
N SER D 42 -15.89 -32.48 15.89
CA SER D 42 -17.13 -31.81 16.28
C SER D 42 -18.37 -32.66 16.05
N VAL D 43 -18.38 -33.48 15.00
CA VAL D 43 -19.59 -34.14 14.57
C VAL D 43 -19.93 -35.28 15.53
N GLN E 2 -1.16 -21.31 21.12
CA GLN E 2 -0.90 -20.94 22.50
C GLN E 2 -1.66 -19.68 22.90
N ILE E 3 -2.41 -19.77 24.00
CA ILE E 3 -3.15 -18.61 24.50
C ILE E 3 -2.19 -17.51 24.94
N GLU E 4 -0.96 -17.88 25.33
CA GLU E 4 0.00 -16.88 25.77
C GLU E 4 0.58 -16.10 24.59
N TRP E 5 0.97 -16.81 23.51
CA TRP E 5 1.51 -16.12 22.34
C TRP E 5 0.46 -15.19 21.73
N ALA E 6 -0.81 -15.58 21.78
CA ALA E 6 -1.87 -14.73 21.23
C ALA E 6 -1.99 -13.44 22.02
N LYS E 7 -2.20 -13.56 23.34
CA LYS E 7 -2.35 -12.39 24.20
C LYS E 7 -1.14 -11.48 24.13
N ALA E 8 0.06 -12.06 23.97
CA ALA E 8 1.25 -11.24 23.83
C ALA E 8 1.26 -10.52 22.49
N ARG E 9 0.92 -11.23 21.41
CA ARG E 9 0.96 -10.59 20.10
C ARG E 9 -0.07 -9.46 20.01
N VAL E 10 -1.26 -9.69 20.56
CA VAL E 10 -2.31 -8.68 20.47
C VAL E 10 -1.87 -7.38 21.13
N GLU E 11 -1.27 -7.48 22.31
CA GLU E 11 -0.90 -6.27 23.01
C GLU E 11 0.36 -5.62 22.41
N LYS E 12 1.19 -6.39 21.71
CA LYS E 12 2.22 -5.77 20.89
C LYS E 12 1.59 -4.93 19.79
N LEU E 13 0.59 -5.49 19.10
CA LEU E 13 -0.08 -4.74 18.03
C LEU E 13 -0.85 -3.55 18.59
N ARG E 14 -1.37 -3.67 19.82
CA ARG E 14 -2.05 -2.53 20.45
C ARG E 14 -1.09 -1.40 20.73
N LYS E 15 0.14 -1.73 21.12
CA LYS E 15 1.19 -0.72 21.32
C LYS E 15 1.48 0.03 20.02
N ARG E 16 1.82 -0.72 18.96
CA ARG E 16 1.99 -0.13 17.65
C ARG E 16 0.78 0.72 17.27
N ASN E 17 -0.42 0.18 17.48
CA ASN E 17 -1.67 0.91 17.19
C ASN E 17 -1.71 2.26 17.91
N GLN E 18 -1.32 2.31 19.18
CA GLN E 18 -1.38 3.56 19.92
C GLN E 18 -0.36 4.57 19.39
N ALA E 19 0.84 4.11 19.07
CA ALA E 19 1.88 5.00 18.56
C ALA E 19 1.47 5.62 17.23
N LEU E 20 0.84 4.84 16.34
CA LEU E 20 0.36 5.38 15.07
C LEU E 20 -0.74 6.41 15.29
N LYS E 21 -1.64 6.16 16.24
CA LYS E 21 -2.69 7.13 16.53
C LYS E 21 -2.08 8.43 17.06
N SER E 22 -1.07 8.32 17.91
CA SER E 22 -0.34 9.49 18.37
C SER E 22 0.24 10.26 17.19
N GLN E 23 0.87 9.55 16.26
CA GLN E 23 1.50 10.22 15.12
C GLN E 23 0.46 10.91 14.24
N THR E 24 -0.64 10.21 13.93
CA THR E 24 -1.76 10.82 13.22
C THR E 24 -2.21 12.09 13.91
N SER E 25 -2.43 12.01 15.22
CA SER E 25 -2.88 13.16 16.00
C SER E 25 -1.92 14.33 15.86
N GLU E 26 -0.62 14.08 16.11
CA GLU E 26 0.37 15.14 16.02
C GLU E 26 0.47 15.71 14.61
N LEU E 27 0.40 14.86 13.58
CA LEU E 27 0.47 15.40 12.23
C LEU E 27 -0.70 16.33 11.95
N GLN E 28 -1.91 15.96 12.41
CA GLN E 28 -3.07 16.83 12.23
C GLN E 28 -2.91 18.14 13.00
N ARG E 29 -2.37 18.08 14.23
CA ARG E 29 -2.08 19.30 14.98
C ARG E 29 -1.09 20.20 14.23
N GLN E 30 -0.06 19.61 13.63
CA GLN E 30 0.93 20.44 12.94
C GLN E 30 0.37 21.02 11.64
N ILE E 31 -0.43 20.24 10.91
CA ILE E 31 -1.11 20.73 9.71
C ILE E 31 -2.03 21.89 10.06
N ALA E 32 -2.79 21.76 11.16
CA ALA E 32 -3.70 22.83 11.56
C ALA E 32 -2.92 24.09 11.91
N GLU E 33 -1.74 23.95 12.51
CA GLU E 33 -0.90 25.12 12.78
C GLU E 33 -0.43 25.77 11.49
N LEU E 34 0.05 24.96 10.53
CA LEU E 34 0.55 25.51 9.28
C LEU E 34 -0.56 26.19 8.48
N GLU E 35 -1.78 25.64 8.52
CA GLU E 35 -2.88 26.24 7.76
C GLU E 35 -3.27 27.61 8.31
N ALA E 36 -3.35 27.74 9.64
CA ALA E 36 -3.60 29.04 10.26
C ALA E 36 -2.46 30.00 9.97
N SER E 37 -1.22 29.54 10.04
CA SER E 37 -0.11 30.45 9.81
C SER E 37 -0.12 30.96 8.37
N ASN E 38 -0.36 30.06 7.40
CA ASN E 38 -0.44 30.46 6.01
C ASN E 38 -1.63 31.38 5.74
N ALA E 39 -2.74 31.18 6.46
CA ALA E 39 -3.89 32.06 6.30
C ALA E 39 -3.56 33.49 6.71
N GLU E 40 -2.85 33.65 7.85
CA GLU E 40 -2.37 34.97 8.23
C GLU E 40 -1.43 35.57 7.17
N LEU E 41 -0.65 34.73 6.50
CA LEU E 41 0.37 35.22 5.59
C LEU E 41 -0.25 35.82 4.34
N LYS E 42 -1.32 35.20 3.83
CA LYS E 42 -2.08 35.73 2.69
C LYS E 42 -2.93 36.94 3.05
N LYS E 43 -2.84 37.39 4.31
CA LYS E 43 -3.46 38.62 4.86
C LYS E 43 -4.82 38.30 5.45
N ASP F 2 -12.29 -17.66 23.79
CA ASP F 2 -11.37 -16.59 24.16
C ASP F 2 -10.17 -16.57 23.21
N ILE F 3 -9.83 -17.73 22.66
CA ILE F 3 -8.73 -17.77 21.71
C ILE F 3 -9.18 -17.28 20.34
N LEU F 4 -10.45 -17.52 19.98
CA LEU F 4 -10.96 -17.00 18.72
C LEU F 4 -11.13 -15.49 18.79
N GLY F 5 -11.58 -14.98 19.94
CA GLY F 5 -11.67 -13.54 20.10
C GLY F 5 -10.31 -12.88 20.06
N MET F 6 -9.30 -13.53 20.62
CA MET F 6 -7.93 -13.03 20.52
C MET F 6 -7.49 -12.95 19.07
N LEU F 7 -7.86 -13.95 18.27
CA LEU F 7 -7.45 -13.95 16.88
C LEU F 7 -8.20 -12.91 16.07
N LYS F 8 -9.47 -12.64 16.45
CA LYS F 8 -10.27 -11.68 15.70
C LYS F 8 -9.80 -10.26 15.94
N SER F 9 -9.47 -9.91 17.18
CA SER F 9 -8.98 -8.56 17.46
C SER F 9 -7.56 -8.37 16.92
N LEU F 10 -6.78 -9.44 16.87
CA LEU F 10 -5.46 -9.36 16.26
C LEU F 10 -5.57 -9.03 14.77
N HIS F 11 -6.55 -9.62 14.08
CA HIS F 11 -6.76 -9.29 12.69
C HIS F 11 -7.30 -7.87 12.53
N GLN F 12 -8.18 -7.44 13.44
CA GLN F 12 -8.65 -6.07 13.39
C GLN F 12 -7.49 -5.09 13.58
N LEU F 13 -6.56 -5.43 14.48
CA LEU F 13 -5.43 -4.55 14.77
C LEU F 13 -4.45 -4.50 13.59
N GLN F 14 -4.31 -5.59 12.86
CA GLN F 14 -3.50 -5.58 11.64
C GLN F 14 -4.10 -4.65 10.60
N VAL F 15 -5.40 -4.78 10.35
CA VAL F 15 -6.07 -4.00 9.30
C VAL F 15 -6.03 -2.51 9.64
N GLU F 16 -6.27 -2.17 10.90
CA GLU F 16 -6.26 -0.78 11.32
C GLU F 16 -4.85 -0.20 11.28
N ASN F 17 -3.86 -0.93 11.81
CA ASN F 17 -2.48 -0.46 11.74
C ASN F 17 -2.05 -0.22 10.30
N ARG F 18 -2.41 -1.14 9.40
CA ARG F 18 -2.14 -0.96 7.98
C ARG F 18 -2.67 0.37 7.47
N ARG F 19 -3.96 0.64 7.70
CA ARG F 19 -4.52 1.88 7.18
C ARG F 19 -4.03 3.11 7.96
N LEU F 20 -3.57 2.94 9.19
CA LEU F 20 -2.98 4.08 9.89
C LEU F 20 -1.64 4.44 9.27
N GLU F 21 -0.89 3.44 8.83
CA GLU F 21 0.43 3.70 8.24
C GLU F 21 0.28 4.48 6.93
N GLU F 22 -0.74 4.15 6.14
CA GLU F 22 -0.95 4.86 4.88
C GLU F 22 -1.39 6.30 5.13
N GLN F 23 -2.34 6.51 6.06
CA GLN F 23 -2.80 7.86 6.35
C GLN F 23 -1.67 8.76 6.84
N ILE F 24 -0.77 8.21 7.67
CA ILE F 24 0.41 8.94 8.13
C ILE F 24 1.26 9.38 6.94
N LYS F 25 1.40 8.56 5.91
CA LYS F 25 2.10 9.01 4.70
C LYS F 25 1.37 10.16 4.04
N ASN F 26 0.04 10.07 3.96
CA ASN F 26 -0.69 11.12 3.26
C ASN F 26 -0.64 12.43 4.02
N LEU F 27 -0.70 12.36 5.35
CA LEU F 27 -0.62 13.56 6.17
C LEU F 27 0.79 14.14 6.18
N THR F 28 1.82 13.31 6.07
CA THR F 28 3.18 13.82 6.00
C THR F 28 3.38 14.60 4.70
N ALA F 29 2.76 14.13 3.61
CA ALA F 29 2.81 14.85 2.34
C ALA F 29 2.08 16.18 2.44
N LYS F 30 0.93 16.18 3.10
CA LYS F 30 0.15 17.41 3.25
C LYS F 30 0.91 18.42 4.10
N LYS F 31 1.43 17.97 5.25
CA LYS F 31 2.30 18.82 6.06
C LYS F 31 3.41 19.45 5.20
N GLU F 32 4.11 18.63 4.41
CA GLU F 32 5.26 19.17 3.66
C GLU F 32 4.80 20.15 2.57
N ARG F 33 3.65 19.90 1.96
CA ARG F 33 3.10 20.87 1.01
C ARG F 33 2.78 22.19 1.70
N LEU F 34 2.23 22.13 2.91
CA LEU F 34 1.88 23.36 3.61
C LEU F 34 3.13 24.09 4.10
N GLN F 35 4.11 23.32 4.60
CA GLN F 35 5.38 23.94 4.99
C GLN F 35 6.07 24.59 3.79
N LEU F 36 5.98 23.98 2.61
CA LEU F 36 6.57 24.58 1.41
C LEU F 36 5.89 25.91 1.09
N LEU F 37 4.56 25.95 1.20
CA LEU F 37 3.85 27.19 0.90
C LEU F 37 4.19 28.27 1.93
N ASN F 38 4.37 27.87 3.20
CA ASN F 38 4.74 28.85 4.21
C ASN F 38 6.09 29.48 3.88
N ALA F 39 7.02 28.69 3.35
CA ALA F 39 8.29 29.26 2.91
C ALA F 39 8.09 30.16 1.70
N GLN F 40 7.26 29.71 0.75
CA GLN F 40 7.09 30.46 -0.48
C GLN F 40 6.43 31.80 -0.25
N LEU F 41 5.58 31.90 0.77
CA LEU F 41 4.90 33.14 1.11
C LEU F 41 5.72 34.02 2.04
N SER F 42 6.88 33.56 2.53
CA SER F 42 7.66 34.33 3.48
C SER F 42 9.00 34.80 2.95
N VAL F 43 9.74 33.92 2.31
CA VAL F 43 11.12 34.22 1.94
C VAL F 43 11.34 33.98 0.45
N ILE G 3 13.42 22.36 -15.49
CA ILE G 3 13.65 23.24 -14.34
C ILE G 3 14.50 22.53 -13.26
N GLU G 4 15.23 23.35 -12.49
CA GLU G 4 16.08 22.80 -11.44
C GLU G 4 15.28 22.23 -10.29
N TRP G 5 14.05 22.70 -10.09
CA TRP G 5 13.22 22.18 -9.01
C TRP G 5 12.82 20.75 -9.27
N ALA G 6 12.30 20.47 -10.48
CA ALA G 6 11.98 19.09 -10.81
C ALA G 6 13.23 18.21 -10.70
N LYS G 7 14.39 18.73 -11.15
CA LYS G 7 15.64 17.99 -11.02
C LYS G 7 15.94 17.66 -9.55
N ALA G 8 15.79 18.65 -8.67
CA ALA G 8 16.06 18.41 -7.26
C ALA G 8 15.09 17.41 -6.66
N ARG G 9 13.84 17.40 -7.12
CA ARG G 9 12.89 16.43 -6.57
C ARG G 9 13.20 15.02 -7.05
N VAL G 10 13.52 14.86 -8.34
CA VAL G 10 13.84 13.53 -8.87
C VAL G 10 15.05 12.94 -8.14
N GLU G 11 16.07 13.76 -7.90
CA GLU G 11 17.27 13.29 -7.21
C GLU G 11 16.94 12.72 -5.83
N LYS G 12 16.05 13.39 -5.08
CA LYS G 12 15.64 12.89 -3.79
C LYS G 12 14.87 11.58 -3.94
N LEU G 13 13.92 11.55 -4.88
CA LEU G 13 13.12 10.35 -5.12
C LEU G 13 13.99 9.18 -5.52
N ARG G 14 15.04 9.44 -6.30
CA ARG G 14 15.86 8.35 -6.82
C ARG G 14 16.73 7.75 -5.72
N LYS G 15 17.25 8.57 -4.81
CA LYS G 15 18.02 8.07 -3.69
C LYS G 15 17.15 7.23 -2.75
N ARG G 16 15.91 7.66 -2.54
CA ARG G 16 14.98 6.88 -1.75
C ARG G 16 14.65 5.57 -2.46
N ASN G 17 14.46 5.62 -3.77
CA ASN G 17 14.16 4.42 -4.54
C ASN G 17 15.26 3.38 -4.43
N GLN G 18 16.52 3.79 -4.52
CA GLN G 18 17.63 2.86 -4.37
C GLN G 18 17.65 2.22 -3.00
N ALA G 19 17.39 3.02 -1.96
CA ALA G 19 17.44 2.49 -0.60
C ALA G 19 16.32 1.48 -0.37
N LEU G 20 15.12 1.79 -0.85
CA LEU G 20 14.00 0.88 -0.69
C LEU G 20 14.23 -0.41 -1.46
N LYS G 21 14.77 -0.30 -2.68
CA LYS G 21 15.00 -1.50 -3.47
C LYS G 21 16.05 -2.41 -2.85
N SER G 22 17.08 -1.85 -2.20
CA SER G 22 18.03 -2.74 -1.55
C SER G 22 17.38 -3.44 -0.35
N GLN G 23 16.40 -2.79 0.30
CA GLN G 23 15.75 -3.44 1.43
C GLN G 23 14.81 -4.56 0.99
N THR G 24 14.09 -4.36 -0.12
CA THR G 24 13.20 -5.43 -0.57
C THR G 24 14.00 -6.64 -1.02
N SER G 25 15.08 -6.42 -1.75
CA SER G 25 15.87 -7.53 -2.25
C SER G 25 16.54 -8.30 -1.11
N GLU G 26 16.95 -7.60 -0.04
CA GLU G 26 17.55 -8.28 1.10
C GLU G 26 16.48 -9.03 1.90
N LEU G 27 15.28 -8.47 2.01
CA LEU G 27 14.20 -9.22 2.65
C LEU G 27 13.88 -10.49 1.88
N GLN G 28 13.82 -10.38 0.56
CA GLN G 28 13.58 -11.56 -0.28
C GLN G 28 14.68 -12.60 -0.12
N ARG G 29 15.93 -12.17 0.05
CA ARG G 29 16.99 -13.14 0.28
C ARG G 29 16.78 -13.85 1.61
N GLN G 30 16.49 -13.09 2.66
CA GLN G 30 16.34 -13.72 3.97
C GLN G 30 15.14 -14.65 3.98
N ILE G 31 14.09 -14.28 3.23
CA ILE G 31 12.90 -15.12 3.15
C ILE G 31 13.19 -16.41 2.40
N ALA G 32 13.92 -16.31 1.29
CA ALA G 32 14.32 -17.51 0.56
C ALA G 32 15.13 -18.46 1.44
N GLU G 33 15.99 -17.92 2.31
CA GLU G 33 16.79 -18.77 3.19
C GLU G 33 15.93 -19.45 4.24
N LEU G 34 14.96 -18.72 4.78
CA LEU G 34 14.07 -19.26 5.79
C LEU G 34 13.22 -20.38 5.22
N GLU G 35 12.65 -20.17 4.03
CA GLU G 35 11.75 -21.17 3.44
C GLU G 35 12.50 -22.45 3.09
N ALA G 36 13.72 -22.31 2.55
CA ALA G 36 14.55 -23.48 2.32
C ALA G 36 14.83 -24.20 3.63
N SER G 37 15.11 -23.44 4.69
CA SER G 37 15.50 -24.02 5.97
C SER G 37 14.30 -24.70 6.63
N ASN G 38 13.10 -24.12 6.46
CA ASN G 38 11.88 -24.71 7.02
C ASN G 38 11.41 -25.90 6.20
N ALA G 39 11.75 -25.93 4.90
CA ALA G 39 11.49 -27.13 4.12
C ALA G 39 12.32 -28.31 4.64
N GLU G 40 13.61 -28.07 4.91
CA GLU G 40 14.45 -29.13 5.45
C GLU G 40 13.96 -29.62 6.80
N LEU G 41 13.41 -28.73 7.64
CA LEU G 41 13.01 -29.13 8.98
C LEU G 41 11.87 -30.14 8.95
N LYS G 42 10.95 -30.01 8.02
CA LYS G 42 9.80 -30.89 7.93
C LYS G 42 10.18 -32.25 7.33
N ILE H 3 7.99 12.91 -23.57
CA ILE H 3 8.28 13.93 -22.57
C ILE H 3 9.66 13.68 -22.04
N LEU H 4 10.28 14.68 -21.42
CA LEU H 4 11.48 14.40 -20.65
C LEU H 4 11.18 13.29 -19.66
N GLY H 5 12.06 12.29 -19.63
CA GLY H 5 11.88 11.20 -18.69
C GLY H 5 11.92 11.67 -17.26
N MET H 6 12.68 12.74 -16.99
CA MET H 6 12.78 13.26 -15.63
C MET H 6 11.44 13.72 -15.09
N LEU H 7 10.70 14.53 -15.86
CA LEU H 7 9.43 15.06 -15.38
C LEU H 7 8.39 13.95 -15.18
N LYS H 8 8.36 12.99 -16.11
CA LYS H 8 7.49 11.84 -15.95
C LYS H 8 7.88 11.04 -14.71
N SER H 9 9.18 10.96 -14.41
CA SER H 9 9.62 10.16 -13.27
C SER H 9 9.26 10.81 -11.93
N LEU H 10 8.97 12.12 -11.90
CA LEU H 10 8.58 12.74 -10.64
C LEU H 10 7.39 12.01 -10.02
N HIS H 11 6.31 11.83 -10.76
CA HIS H 11 5.19 11.12 -10.16
C HIS H 11 5.39 9.61 -10.18
N GLN H 12 6.07 9.09 -11.22
CA GLN H 12 6.29 7.65 -11.33
C GLN H 12 7.03 7.12 -10.11
N LEU H 13 8.14 7.76 -9.74
CA LEU H 13 8.93 7.27 -8.61
C LEU H 13 8.19 7.38 -7.29
N GLN H 14 7.34 8.40 -7.15
CA GLN H 14 6.51 8.54 -5.96
C GLN H 14 5.57 7.34 -5.82
N VAL H 15 4.99 6.90 -6.92
CA VAL H 15 4.10 5.74 -6.89
C VAL H 15 4.91 4.45 -6.70
N GLU H 16 6.07 4.34 -7.37
CA GLU H 16 6.89 3.13 -7.17
C GLU H 16 7.38 3.03 -5.73
N ASN H 17 7.85 4.13 -5.17
CA ASN H 17 8.39 4.11 -3.81
C ASN H 17 7.30 3.75 -2.80
N ARG H 18 6.07 4.21 -3.01
CA ARG H 18 5.00 3.79 -2.11
C ARG H 18 4.73 2.29 -2.25
N ARG H 19 4.78 1.76 -3.47
CA ARG H 19 4.65 0.32 -3.66
C ARG H 19 5.76 -0.42 -2.93
N LEU H 20 7.01 0.06 -3.04
CA LEU H 20 8.12 -0.61 -2.39
C LEU H 20 7.98 -0.54 -0.87
N GLU H 21 7.52 0.60 -0.34
CA GLU H 21 7.33 0.72 1.09
C GLU H 21 6.34 -0.34 1.60
N GLU H 22 5.24 -0.53 0.89
CA GLU H 22 4.25 -1.49 1.34
C GLU H 22 4.68 -2.92 1.07
N GLN H 23 5.42 -3.14 -0.03
CA GLN H 23 6.03 -4.44 -0.24
C GLN H 23 6.99 -4.79 0.88
N ILE H 24 7.75 -3.80 1.36
CA ILE H 24 8.64 -4.01 2.50
C ILE H 24 7.83 -4.43 3.73
N LYS H 25 6.63 -3.87 3.90
CA LYS H 25 5.84 -4.15 5.10
C LYS H 25 5.30 -5.58 5.07
N ASN H 26 4.89 -6.05 3.89
CA ASN H 26 4.39 -7.41 3.77
C ASN H 26 5.53 -8.43 3.84
N LEU H 27 6.68 -8.12 3.23
CA LEU H 27 7.83 -9.02 3.33
C LEU H 27 8.30 -9.17 4.76
N THR H 28 8.33 -8.07 5.51
CA THR H 28 8.74 -8.13 6.91
C THR H 28 7.85 -9.05 7.71
N ALA H 29 6.52 -8.90 7.56
CA ALA H 29 5.59 -9.82 8.22
C ALA H 29 5.79 -11.25 7.76
N LYS H 30 5.99 -11.46 6.46
CA LYS H 30 6.28 -12.80 5.99
C LYS H 30 7.51 -13.39 6.67
N LYS H 31 8.59 -12.60 6.74
CA LYS H 31 9.82 -13.09 7.36
C LYS H 31 9.59 -13.40 8.84
N GLU H 32 8.71 -12.65 9.49
CA GLU H 32 8.45 -12.86 10.91
C GLU H 32 7.70 -14.17 11.16
N ARG H 33 6.70 -14.48 10.32
CA ARG H 33 6.01 -15.76 10.46
C ARG H 33 6.95 -16.91 10.16
N LEU H 34 7.73 -16.79 9.08
CA LEU H 34 8.68 -17.84 8.72
C LEU H 34 9.67 -18.12 9.83
N GLN H 35 10.16 -17.07 10.50
CA GLN H 35 11.14 -17.26 11.57
C GLN H 35 10.50 -17.88 12.82
N LEU H 36 9.25 -17.54 13.11
CA LEU H 36 8.54 -18.19 14.21
C LEU H 36 8.32 -19.66 13.91
N LEU H 37 7.86 -19.96 12.69
CA LEU H 37 7.70 -21.35 12.27
C LEU H 37 9.00 -22.11 12.45
N ASN H 38 10.12 -21.51 12.00
CA ASN H 38 11.43 -22.13 12.17
C ASN H 38 11.73 -22.43 13.63
N ALA H 39 11.39 -21.52 14.55
CA ALA H 39 11.58 -21.83 15.97
C ALA H 39 10.64 -22.94 16.43
N GLN H 40 9.37 -22.92 16.02
CA GLN H 40 8.43 -23.94 16.46
C GLN H 40 8.85 -25.32 15.98
N LEU H 41 9.42 -25.40 14.77
CA LEU H 41 9.84 -26.67 14.22
C LEU H 41 11.12 -27.19 14.84
N SER H 42 11.79 -26.38 15.67
CA SER H 42 13.11 -26.73 16.16
C SER H 42 13.16 -26.92 17.67
N VAL H 43 12.75 -25.91 18.43
CA VAL H 43 12.91 -25.94 19.88
C VAL H 43 11.58 -26.18 20.58
#